data_6TD1
#
_entry.id   6TD1
#
_cell.length_a   60.557
_cell.length_b   79.761
_cell.length_c   56.021
_cell.angle_alpha   90.000
_cell.angle_beta   90.000
_cell.angle_gamma   90.000
#
_symmetry.space_group_name_H-M   'P 21 21 2'
#
loop_
_entity.id
_entity.type
_entity.pdbx_description
1 polymer 'Carbapenem-hydrolyzing beta-lactamase KPC'
2 non-polymer GLYCEROL
3 non-polymer '(3~{R})-3-[2-[4-(2-azanylethylamino)cyclohexyl]ethanoylamino]-2-oxidanyl-3,4-dihydro-1,2-benzoxaborinine-8-carboxylic acid'
4 non-polymer 'SULFATE ION'
5 water water
#
_entity_poly.entity_id   1
_entity_poly.type   'polypeptide(L)'
_entity_poly.pdbx_seq_one_letter_code
;MGSSHHHHHHSSGLVPRGSHMLTNLVAEPFAKLEQDFGGSIGVYAMDTGSGATVSYRAEERFPLCSSFKGFLAAAVLARS
QQQAGLLDTPIRYGKNALVPWSPISEKYLTTGMTVAELSAAAVQYSDNAAANLLLKELGGPAGLTAFMRSIGDTTFRLDR
WELELNSAIPGDARDTSSPRAVTESLQKLTLGSALAAPQRQQFVDWLKGNTTGNHRIRAAVPADWAVGDKTGTCGVYGTA
NDYAVVWPTGRAPIVLAVYTRAPNKDDKHSEAVIAAAARLALEGLGVNGQ
;
_entity_poly.pdbx_strand_id   A
#
# COMPACT_ATOMS: atom_id res chain seq x y z
N HIS A 20 13.24 -16.79 -13.09
CA HIS A 20 12.16 -17.44 -13.82
C HIS A 20 11.90 -18.85 -13.31
N MET A 21 12.98 -19.58 -13.03
CA MET A 21 12.87 -20.98 -12.63
C MET A 21 11.97 -21.15 -11.41
N LEU A 22 11.88 -20.15 -10.55
CA LEU A 22 11.09 -20.24 -9.33
C LEU A 22 9.80 -19.44 -9.40
N THR A 23 9.42 -18.94 -10.58
CA THR A 23 8.21 -18.16 -10.77
C THR A 23 7.09 -19.07 -11.27
N ASN A 24 5.95 -19.01 -10.61
CA ASN A 24 4.75 -19.77 -11.00
C ASN A 24 5.06 -21.26 -11.17
N LEU A 25 5.69 -21.85 -10.15
CA LEU A 25 5.90 -23.30 -10.14
C LEU A 25 4.56 -24.05 -10.19
N VAL A 26 3.52 -23.50 -9.59
CA VAL A 26 2.18 -24.10 -9.52
C VAL A 26 1.21 -23.06 -10.08
N ALA A 27 0.51 -23.40 -11.17
CA ALA A 27 -0.47 -22.50 -11.78
C ALA A 27 -1.71 -22.38 -10.89
N GLU A 28 -2.32 -21.20 -10.92
CA GLU A 28 -3.52 -20.86 -10.16
C GLU A 28 -4.54 -20.15 -11.04
N PRO A 29 -5.85 -20.31 -10.77
CA PRO A 29 -6.89 -19.82 -11.70
C PRO A 29 -7.22 -18.34 -11.55
N PHE A 30 -6.21 -17.48 -11.78
CA PHE A 30 -6.43 -16.04 -11.69
C PHE A 30 -7.32 -15.52 -12.83
N ALA A 31 -7.21 -16.10 -14.03
CA ALA A 31 -8.00 -15.62 -15.17
C ALA A 31 -9.50 -15.81 -14.91
N LYS A 32 -9.90 -16.97 -14.38
CA LYS A 32 -11.30 -17.18 -14.06
C LYS A 32 -11.77 -16.18 -13.01
N LEU A 33 -10.92 -15.90 -12.02
CA LEU A 33 -11.28 -14.96 -10.97
C LEU A 33 -11.55 -13.58 -11.55
N GLU A 34 -10.66 -13.05 -12.42
CA GLU A 34 -10.87 -11.69 -12.92
C GLU A 34 -12.04 -11.63 -13.90
N GLN A 35 -12.30 -12.71 -14.62
CA GLN A 35 -13.44 -12.74 -15.54
C GLN A 35 -14.76 -12.69 -14.78
N ASP A 36 -14.86 -13.45 -13.68
CA ASP A 36 -16.06 -13.36 -12.83
C ASP A 36 -16.22 -11.96 -12.23
N PHE A 37 -15.10 -11.33 -11.86
CA PHE A 37 -15.10 -9.95 -11.34
C PHE A 37 -15.51 -8.95 -12.41
N GLY A 38 -15.19 -9.22 -13.67
CA GLY A 38 -15.48 -8.29 -14.75
C GLY A 38 -14.38 -7.28 -15.03
N GLY A 39 -13.15 -7.59 -14.73
CA GLY A 39 -12.05 -6.65 -14.91
C GLY A 39 -10.71 -7.36 -14.97
N SER A 40 -9.70 -6.69 -14.44
CA SER A 40 -8.31 -7.16 -14.42
C SER A 40 -7.79 -7.20 -12.99
N ILE A 41 -7.07 -8.27 -12.67
N ILE A 41 -7.07 -8.27 -12.64
CA ILE A 41 -6.40 -8.43 -11.38
CA ILE A 41 -6.40 -8.38 -11.34
C ILE A 41 -4.90 -8.58 -11.63
C ILE A 41 -4.92 -8.65 -11.53
N GLY A 42 -4.09 -7.89 -10.83
CA GLY A 42 -2.64 -8.01 -10.88
C GLY A 42 -2.08 -8.44 -9.53
N VAL A 43 -1.22 -9.46 -9.53
CA VAL A 43 -0.73 -10.11 -8.32
C VAL A 43 0.77 -10.36 -8.43
N TYR A 44 1.51 -9.98 -7.39
N TYR A 44 1.50 -10.06 -7.35
CA TYR A 44 2.88 -10.46 -7.19
CA TYR A 44 2.91 -10.49 -7.25
C TYR A 44 3.01 -10.89 -5.74
C TYR A 44 3.23 -10.78 -5.79
N ALA A 45 3.66 -12.03 -5.51
CA ALA A 45 3.91 -12.51 -4.16
C ALA A 45 5.27 -13.17 -4.13
N MET A 46 6.04 -12.89 -3.08
N MET A 46 6.04 -12.92 -3.06
CA MET A 46 7.41 -13.38 -2.91
CA MET A 46 7.41 -13.41 -2.93
C MET A 46 7.55 -14.12 -1.59
C MET A 46 7.59 -14.10 -1.60
N ASP A 47 8.10 -15.33 -1.65
CA ASP A 47 8.55 -16.05 -0.45
C ASP A 47 9.98 -15.61 -0.20
N THR A 48 10.23 -14.84 0.87
CA THR A 48 11.55 -14.27 1.09
C THR A 48 12.56 -15.30 1.56
N GLY A 49 12.14 -16.52 1.89
CA GLY A 49 13.09 -17.55 2.25
C GLY A 49 13.77 -18.16 1.04
N SER A 50 12.96 -18.63 0.10
CA SER A 50 13.46 -19.34 -1.08
C SER A 50 13.60 -18.45 -2.31
N GLY A 51 12.90 -17.32 -2.36
CA GLY A 51 12.85 -16.51 -3.55
C GLY A 51 11.79 -16.90 -4.55
N ALA A 52 11.00 -17.93 -4.26
CA ALA A 52 9.92 -18.32 -5.16
C ALA A 52 8.86 -17.22 -5.22
N THR A 53 8.19 -17.14 -6.38
CA THR A 53 7.22 -16.09 -6.63
C THR A 53 5.97 -16.60 -7.34
N VAL A 54 4.87 -15.88 -7.14
CA VAL A 54 3.63 -16.01 -7.90
C VAL A 54 3.42 -14.67 -8.60
N SER A 55 3.07 -14.71 -9.88
N SER A 55 3.16 -14.70 -9.91
CA SER A 55 3.04 -13.51 -10.72
CA SER A 55 3.01 -13.46 -10.67
C SER A 55 1.92 -13.61 -11.76
C SER A 55 1.92 -13.61 -11.72
N TYR A 56 1.01 -12.62 -11.75
CA TYR A 56 -0.08 -12.58 -12.73
C TYR A 56 -0.36 -11.12 -13.07
N ARG A 57 -0.18 -10.72 -14.33
CA ARG A 57 -0.27 -9.31 -14.75
C ARG A 57 0.63 -8.42 -13.88
N ALA A 58 1.78 -8.94 -13.44
CA ALA A 58 2.52 -8.29 -12.36
C ALA A 58 3.29 -7.04 -12.81
N GLU A 59 3.54 -6.87 -14.10
CA GLU A 59 4.24 -5.71 -14.64
C GLU A 59 3.30 -4.72 -15.33
N GLU A 60 1.99 -4.94 -15.27
CA GLU A 60 1.04 -3.94 -15.74
C GLU A 60 0.89 -2.84 -14.69
N ARG A 61 0.53 -1.64 -15.18
CA ARG A 61 0.24 -0.52 -14.29
C ARG A 61 -1.20 -0.56 -13.81
N PHE A 62 -1.37 -0.28 -12.52
CA PHE A 62 -2.66 -0.10 -11.87
C PHE A 62 -2.61 1.19 -11.06
N PRO A 63 -3.75 1.89 -10.90
CA PRO A 63 -3.76 3.08 -10.02
C PRO A 63 -3.41 2.69 -8.59
N LEU A 64 -2.58 3.55 -7.95
CA LEU A 64 -2.22 3.40 -6.55
C LEU A 64 -3.41 3.63 -5.62
N CYS A 65 -4.25 4.61 -5.91
CA CYS A 65 -5.26 5.03 -4.94
C CYS A 65 -4.54 5.31 -3.62
N SER A 66 -5.20 5.04 -2.48
CA SER A 66 -4.61 5.39 -1.20
C SER A 66 -3.39 4.54 -0.83
N SER A 67 -3.06 3.48 -1.59
CA SER A 67 -1.92 2.64 -1.23
C SER A 67 -0.60 3.42 -1.28
N PHE A 68 -0.55 4.55 -1.99
CA PHE A 68 0.65 5.37 -1.93
C PHE A 68 0.97 5.87 -0.52
N LYS A 69 -0.03 5.92 0.37
CA LYS A 69 0.16 6.50 1.69
C LYS A 69 1.09 5.66 2.57
N GLY A 70 1.20 4.34 2.33
CA GLY A 70 2.22 3.56 3.01
C GLY A 70 3.62 4.03 2.66
N PHE A 71 3.91 4.17 1.36
CA PHE A 71 5.21 4.64 0.92
C PHE A 71 5.49 6.06 1.39
N LEU A 72 4.46 6.91 1.42
CA LEU A 72 4.56 8.25 2.00
C LEU A 72 5.09 8.20 3.43
N ALA A 73 4.50 7.35 4.28
CA ALA A 73 4.96 7.25 5.67
C ALA A 73 6.40 6.76 5.73
N ALA A 74 6.77 5.82 4.85
CA ALA A 74 8.17 5.36 4.81
C ALA A 74 9.13 6.49 4.45
N ALA A 75 8.73 7.34 3.48
CA ALA A 75 9.56 8.47 3.10
C ALA A 75 9.75 9.45 4.27
N VAL A 76 8.67 9.68 5.04
CA VAL A 76 8.78 10.50 6.25
C VAL A 76 9.78 9.90 7.23
N LEU A 77 9.69 8.59 7.44
CA LEU A 77 10.63 7.94 8.36
C LEU A 77 12.07 8.06 7.86
N ALA A 78 12.29 7.92 6.55
CA ALA A 78 13.64 8.11 6.03
C ALA A 78 14.17 9.51 6.32
N ARG A 79 13.34 10.53 6.12
N ARG A 79 13.34 10.53 6.07
CA ARG A 79 13.78 11.89 6.41
CA ARG A 79 13.71 11.91 6.39
C ARG A 79 14.06 12.09 7.89
C ARG A 79 14.10 12.02 7.87
N SER A 80 13.32 11.40 8.75
CA SER A 80 13.53 11.53 10.20
C SER A 80 14.88 10.98 10.66
N GLN A 81 15.53 10.16 9.84
CA GLN A 81 16.87 9.69 10.18
C GLN A 81 17.86 10.84 10.21
N GLN A 82 17.62 11.88 9.41
CA GLN A 82 18.47 13.06 9.38
C GLN A 82 17.89 14.24 10.16
N GLN A 83 16.59 14.21 10.45
CA GLN A 83 15.91 15.27 11.20
C GLN A 83 15.28 14.61 12.43
N ALA A 84 16.05 14.57 13.53
CA ALA A 84 15.62 13.83 14.72
C ALA A 84 14.40 14.43 15.41
N GLY A 85 14.06 15.69 15.14
CA GLY A 85 12.87 16.27 15.71
C GLY A 85 11.62 16.20 14.84
N LEU A 86 11.71 15.57 13.67
CA LEU A 86 10.63 15.66 12.69
C LEU A 86 9.36 15.00 13.20
N LEU A 87 9.46 13.78 13.72
CA LEU A 87 8.25 13.03 14.06
C LEU A 87 7.44 13.72 15.14
N ASP A 88 8.12 14.41 16.07
CA ASP A 88 7.49 15.12 17.18
C ASP A 88 6.98 16.51 16.81
N THR A 89 7.16 16.96 15.57
CA THR A 89 6.81 18.32 15.22
C THR A 89 5.30 18.47 15.13
N PRO A 90 4.68 19.40 15.88
N PRO A 90 4.69 19.44 15.84
CA PRO A 90 3.25 19.63 15.70
CA PRO A 90 3.23 19.63 15.76
C PRO A 90 2.97 20.28 14.36
C PRO A 90 2.83 20.43 14.53
N ILE A 91 1.83 19.93 13.79
CA ILE A 91 1.34 20.54 12.56
C ILE A 91 -0.08 21.05 12.81
N ARG A 92 -0.27 22.35 12.66
N ARG A 92 -0.30 22.36 12.68
CA ARG A 92 -1.58 22.96 12.66
CA ARG A 92 -1.64 22.93 12.75
C ARG A 92 -2.09 23.06 11.22
C ARG A 92 -2.11 23.27 11.33
N TYR A 93 -3.40 23.04 11.08
CA TYR A 93 -3.99 23.10 9.74
C TYR A 93 -5.38 23.74 9.82
N GLY A 94 -5.82 24.35 8.70
CA GLY A 94 -7.12 24.98 8.64
C GLY A 94 -8.21 24.05 8.12
N LYS A 95 -9.45 24.54 8.24
CA LYS A 95 -10.59 23.76 7.77
C LYS A 95 -10.47 23.46 6.28
N ASN A 96 -9.81 24.35 5.52
CA ASN A 96 -9.65 24.13 4.09
C ASN A 96 -8.72 22.97 3.76
N ALA A 97 -7.94 22.47 4.72
CA ALA A 97 -7.12 21.29 4.50
C ALA A 97 -7.90 19.99 4.60
N LEU A 98 -9.16 20.03 5.09
N LEU A 98 -9.05 20.01 5.27
CA LEU A 98 -9.92 18.83 5.45
CA LEU A 98 -9.84 18.80 5.31
C LEU A 98 -10.79 18.33 4.28
C LEU A 98 -10.35 18.53 3.89
N VAL A 99 -10.18 17.56 3.40
N VAL A 99 -10.17 17.28 3.45
CA VAL A 99 -10.92 17.03 2.26
CA VAL A 99 -10.74 16.85 2.19
C VAL A 99 -11.74 15.81 2.66
C VAL A 99 -11.59 15.65 2.55
N PRO A 100 -12.67 15.37 1.82
CA PRO A 100 -13.50 14.22 2.17
C PRO A 100 -12.68 12.99 2.52
N TRP A 101 -13.15 12.25 3.52
CA TRP A 101 -12.50 11.08 4.10
C TRP A 101 -11.20 11.43 4.81
N SER A 102 -11.38 12.14 5.92
CA SER A 102 -10.29 12.52 6.83
C SER A 102 -10.75 12.23 8.25
N PRO A 103 -10.98 10.95 8.57
CA PRO A 103 -11.64 10.60 9.84
C PRO A 103 -10.84 10.90 11.09
N ILE A 104 -9.52 10.88 11.05
CA ILE A 104 -8.72 11.23 12.23
C ILE A 104 -8.43 12.72 12.30
N SER A 105 -7.96 13.32 11.21
N SER A 105 -7.92 13.28 11.19
CA SER A 105 -7.56 14.71 11.24
CA SER A 105 -7.59 14.71 11.13
C SER A 105 -8.73 15.66 11.47
C SER A 105 -8.75 15.56 11.60
N GLU A 106 -9.96 15.26 11.13
CA GLU A 106 -11.11 16.10 11.47
C GLU A 106 -11.32 16.22 12.98
N LYS A 107 -10.88 15.22 13.76
N LYS A 107 -10.89 15.23 13.77
CA LYS A 107 -11.07 15.22 15.21
CA LYS A 107 -11.09 15.25 15.22
C LYS A 107 -10.02 16.07 15.94
C LYS A 107 -10.04 16.11 15.93
N TYR A 108 -8.97 16.50 15.24
CA TYR A 108 -7.89 17.31 15.81
C TYR A 108 -7.71 18.63 15.05
N LEU A 109 -8.72 19.05 14.27
CA LEU A 109 -8.66 20.34 13.57
C LEU A 109 -8.31 21.48 14.52
N THR A 110 -8.94 21.50 15.70
CA THR A 110 -8.78 22.60 16.64
C THR A 110 -7.53 22.49 17.52
N THR A 111 -6.74 21.41 17.39
CA THR A 111 -5.56 21.20 18.22
C THR A 111 -4.26 21.00 17.45
N GLY A 112 -4.31 20.53 16.22
CA GLY A 112 -3.15 20.05 15.50
C GLY A 112 -2.82 18.59 15.83
N MET A 113 -1.92 18.02 15.04
N MET A 113 -1.91 18.02 15.02
CA MET A 113 -1.37 16.69 15.29
CA MET A 113 -1.41 16.64 15.16
C MET A 113 0.11 16.70 14.97
C MET A 113 0.08 16.64 14.87
N THR A 114 0.84 15.70 15.46
CA THR A 114 2.27 15.59 15.14
C THR A 114 2.46 14.92 13.77
N VAL A 115 3.67 15.08 13.22
CA VAL A 115 4.02 14.38 11.98
C VAL A 115 3.83 12.87 12.12
N ALA A 116 4.29 12.30 13.24
CA ALA A 116 4.09 10.86 13.46
C ALA A 116 2.60 10.49 13.47
N GLU A 117 1.78 11.33 14.14
CA GLU A 117 0.35 11.05 14.20
C GLU A 117 -0.30 11.15 12.83
N LEU A 118 0.09 12.13 12.02
CA LEU A 118 -0.44 12.22 10.66
C LEU A 118 -0.03 11.00 9.83
N SER A 119 1.21 10.55 9.99
CA SER A 119 1.68 9.37 9.29
C SER A 119 0.86 8.15 9.65
N ALA A 120 0.63 7.92 10.94
CA ALA A 120 -0.18 6.79 11.38
C ALA A 120 -1.60 6.88 10.85
N ALA A 121 -2.20 8.08 10.85
CA ALA A 121 -3.56 8.25 10.32
C ALA A 121 -3.63 7.95 8.83
N ALA A 122 -2.66 8.44 8.06
CA ALA A 122 -2.61 8.16 6.62
C ALA A 122 -2.51 6.67 6.36
N VAL A 123 -1.69 5.96 7.16
CA VAL A 123 -1.49 4.52 6.97
C VAL A 123 -2.72 3.71 7.41
N GLN A 124 -3.25 4.02 8.61
CA GLN A 124 -4.16 3.11 9.31
C GLN A 124 -5.63 3.42 9.10
N TYR A 125 -5.94 4.63 8.59
CA TYR A 125 -7.30 5.08 8.29
C TYR A 125 -7.41 5.65 6.86
N SER A 126 -6.34 5.61 6.06
N SER A 126 -6.32 5.68 6.11
CA SER A 126 -6.32 6.24 4.73
CA SER A 126 -6.30 6.26 4.77
C SER A 126 -6.71 7.73 4.78
C SER A 126 -6.72 7.74 4.79
N ASP A 127 -6.35 8.43 5.86
CA ASP A 127 -6.80 9.82 6.07
C ASP A 127 -6.25 10.72 4.95
N ASN A 128 -7.16 11.37 4.20
CA ASN A 128 -6.76 12.16 3.03
C ASN A 128 -6.10 13.49 3.40
N ALA A 129 -6.65 14.23 4.35
CA ALA A 129 -6.00 15.49 4.77
C ALA A 129 -4.59 15.22 5.29
N ALA A 130 -4.43 14.18 6.11
CA ALA A 130 -3.11 13.84 6.62
C ALA A 130 -2.13 13.58 5.48
N ALA A 131 -2.57 12.84 4.47
CA ALA A 131 -1.71 12.52 3.33
C ALA A 131 -1.27 13.79 2.59
N ASN A 132 -2.20 14.72 2.33
CA ASN A 132 -1.82 15.95 1.63
C ASN A 132 -0.85 16.78 2.46
N LEU A 133 -1.04 16.85 3.79
CA LEU A 133 -0.13 17.61 4.64
C LEU A 133 1.28 17.02 4.59
N LEU A 134 1.39 15.69 4.61
CA LEU A 134 2.70 15.05 4.57
C LEU A 134 3.34 15.17 3.19
N LEU A 135 2.55 15.07 2.12
CA LEU A 135 3.08 15.30 0.78
C LEU A 135 3.74 16.67 0.69
N LYS A 136 3.11 17.69 1.26
CA LYS A 136 3.71 19.02 1.24
C LYS A 136 5.06 19.02 1.92
N GLU A 137 5.18 18.32 3.05
CA GLU A 137 6.45 18.26 3.76
C GLU A 137 7.57 17.67 2.90
N LEU A 138 7.25 16.74 2.01
CA LEU A 138 8.22 16.04 1.18
C LEU A 138 8.49 16.72 -0.15
N GLY A 139 7.84 17.84 -0.46
CA GLY A 139 7.99 18.46 -1.76
C GLY A 139 7.05 17.93 -2.81
N GLY A 140 5.90 17.42 -2.40
CA GLY A 140 4.83 17.06 -3.30
C GLY A 140 4.99 15.70 -3.94
N PRO A 141 4.13 15.39 -4.93
CA PRO A 141 4.24 14.09 -5.64
C PRO A 141 5.63 13.81 -6.22
N ALA A 142 6.33 14.82 -6.76
CA ALA A 142 7.67 14.56 -7.28
C ALA A 142 8.64 14.20 -6.17
N GLY A 143 8.45 14.74 -4.96
CA GLY A 143 9.32 14.39 -3.85
C GLY A 143 9.13 12.96 -3.37
N LEU A 144 7.89 12.49 -3.33
CA LEU A 144 7.68 11.07 -3.00
C LEU A 144 8.23 10.17 -4.11
N THR A 145 8.01 10.54 -5.37
CA THR A 145 8.58 9.77 -6.47
C THR A 145 10.11 9.70 -6.37
N ALA A 146 10.74 10.81 -5.98
CA ALA A 146 12.20 10.80 -5.82
C ALA A 146 12.64 9.85 -4.71
N PHE A 147 11.91 9.77 -3.60
CA PHE A 147 12.25 8.80 -2.56
C PHE A 147 12.19 7.38 -3.12
N MET A 148 11.14 7.06 -3.87
CA MET A 148 11.03 5.72 -4.42
C MET A 148 12.18 5.43 -5.40
N ARG A 149 12.59 6.42 -6.22
CA ARG A 149 13.77 6.21 -7.08
C ARG A 149 15.00 5.92 -6.23
N SER A 150 15.13 6.57 -5.08
CA SER A 150 16.33 6.42 -4.24
C SER A 150 16.47 5.01 -3.65
N ILE A 151 15.39 4.24 -3.57
CA ILE A 151 15.47 2.85 -3.11
C ILE A 151 15.50 1.88 -4.29
N GLY A 152 15.56 2.39 -5.52
CA GLY A 152 15.69 1.56 -6.70
C GLY A 152 14.40 1.22 -7.42
N ASP A 153 13.31 1.89 -7.12
CA ASP A 153 12.02 1.63 -7.78
C ASP A 153 11.90 2.60 -8.95
N THR A 154 11.94 2.07 -10.17
CA THR A 154 11.87 2.89 -11.38
C THR A 154 10.47 2.89 -12.00
N THR A 155 9.49 2.25 -11.36
CA THR A 155 8.14 2.12 -11.89
C THR A 155 7.16 3.10 -11.25
N PHE A 156 7.23 3.22 -9.93
CA PHE A 156 6.32 4.07 -9.18
C PHE A 156 6.29 5.48 -9.75
N ARG A 157 5.09 6.06 -9.88
CA ARG A 157 4.96 7.50 -10.11
C ARG A 157 3.76 8.04 -9.37
N LEU A 158 3.99 9.10 -8.58
CA LEU A 158 2.89 9.92 -8.09
C LEU A 158 2.97 11.25 -8.82
N ASP A 159 1.82 11.74 -9.26
CA ASP A 159 1.69 12.90 -10.12
C ASP A 159 0.79 13.99 -9.54
N ARG A 160 -0.23 13.61 -8.79
CA ARG A 160 -1.28 14.49 -8.27
C ARG A 160 -1.47 14.31 -6.78
N TRP A 161 -2.36 15.14 -6.22
CA TRP A 161 -2.70 15.18 -4.80
C TRP A 161 -4.08 14.54 -4.57
N GLU A 162 -4.48 14.39 -3.31
CA GLU A 162 -5.86 13.96 -3.02
C GLU A 162 -6.78 15.15 -3.27
N LEU A 163 -7.96 14.95 -3.90
CA LEU A 163 -8.55 13.71 -4.36
C LEU A 163 -8.33 13.39 -5.84
N GLU A 164 -7.70 14.29 -6.60
CA GLU A 164 -7.58 14.12 -8.04
C GLU A 164 -6.87 12.83 -8.44
N LEU A 165 -5.92 12.35 -7.64
CA LEU A 165 -5.18 11.13 -7.96
C LEU A 165 -6.04 9.88 -8.01
N ASN A 166 -7.32 9.94 -7.60
CA ASN A 166 -8.21 8.79 -7.63
C ASN A 166 -8.96 8.59 -8.95
N SER A 167 -8.70 9.39 -9.98
CA SER A 167 -9.52 9.34 -11.20
C SER A 167 -9.46 7.99 -11.93
N ALA A 168 -8.33 7.28 -11.88
CA ALA A 168 -8.25 5.89 -12.34
C ALA A 168 -8.69 5.71 -13.78
N ILE A 169 -8.35 6.68 -14.63
CA ILE A 169 -8.80 6.67 -16.02
C ILE A 169 -8.11 5.55 -16.79
N PRO A 170 -8.85 4.72 -17.55
CA PRO A 170 -8.19 3.64 -18.31
C PRO A 170 -7.10 4.18 -19.24
N GLY A 171 -5.92 3.57 -19.12
CA GLY A 171 -4.76 3.90 -19.93
C GLY A 171 -3.91 5.03 -19.41
N ASP A 172 -4.32 5.72 -18.35
CA ASP A 172 -3.61 6.88 -17.82
C ASP A 172 -2.54 6.38 -16.86
N ALA A 173 -1.26 6.67 -17.16
CA ALA A 173 -0.18 6.21 -16.28
C ALA A 173 0.02 7.08 -15.02
N ARG A 174 -0.61 8.25 -14.92
CA ARG A 174 -0.41 9.07 -13.74
C ARG A 174 -0.84 8.31 -12.48
N ASP A 175 -0.09 8.46 -11.38
CA ASP A 175 -0.49 7.91 -10.07
C ASP A 175 -0.68 6.39 -10.12
N THR A 176 0.28 5.69 -10.75
CA THR A 176 0.26 4.25 -10.89
C THR A 176 1.59 3.63 -10.49
N SER A 177 1.53 2.34 -10.20
CA SER A 177 2.72 1.48 -10.17
C SER A 177 2.31 0.09 -10.67
N SER A 178 3.21 -0.90 -10.52
CA SER A 178 2.90 -2.29 -10.84
C SER A 178 2.87 -3.13 -9.57
N PRO A 179 2.11 -4.22 -9.56
CA PRO A 179 2.16 -5.12 -8.39
C PRO A 179 3.56 -5.56 -8.02
N ARG A 180 4.37 -5.86 -9.03
CA ARG A 180 5.73 -6.30 -8.80
C ARG A 180 6.57 -5.21 -8.11
N ALA A 181 6.55 -3.97 -8.64
CA ALA A 181 7.37 -2.91 -8.05
C ALA A 181 6.90 -2.60 -6.64
N VAL A 182 5.59 -2.61 -6.41
CA VAL A 182 5.04 -2.40 -5.07
C VAL A 182 5.60 -3.43 -4.10
N THR A 183 5.56 -4.72 -4.46
CA THR A 183 6.08 -5.78 -3.59
C THR A 183 7.57 -5.63 -3.35
N GLU A 184 8.32 -5.33 -4.42
CA GLU A 184 9.77 -5.20 -4.29
C GLU A 184 10.15 -4.05 -3.36
N SER A 185 9.47 -2.92 -3.50
CA SER A 185 9.73 -1.78 -2.62
C SER A 185 9.27 -2.04 -1.19
N LEU A 186 8.13 -2.73 -1.02
CA LEU A 186 7.66 -3.06 0.33
C LEU A 186 8.68 -3.96 1.03
N GLN A 187 9.23 -4.94 0.32
N GLN A 187 9.25 -4.93 0.32
N GLN A 187 9.25 -4.93 0.31
CA GLN A 187 10.25 -5.81 0.89
CA GLN A 187 10.24 -5.80 0.96
CA GLN A 187 10.26 -5.81 0.91
C GLN A 187 11.45 -4.99 1.37
C GLN A 187 11.49 -5.02 1.37
C GLN A 187 11.48 -5.02 1.36
N LYS A 188 11.97 -4.11 0.51
CA LYS A 188 13.15 -3.33 0.86
C LYS A 188 12.92 -2.53 2.14
N LEU A 189 11.71 -1.97 2.31
CA LEU A 189 11.41 -1.05 3.39
C LEU A 189 11.08 -1.77 4.71
N THR A 190 10.42 -2.93 4.66
CA THR A 190 10.00 -3.65 5.86
C THR A 190 10.96 -4.73 6.33
N LEU A 191 11.74 -5.34 5.43
CA LEU A 191 12.61 -6.47 5.73
C LEU A 191 14.06 -6.22 5.33
N GLY A 192 14.31 -5.35 4.35
CA GLY A 192 15.63 -5.04 3.86
C GLY A 192 16.26 -3.86 4.56
N SER A 193 17.18 -3.17 3.87
CA SER A 193 18.02 -2.15 4.48
C SER A 193 17.70 -0.73 4.02
N ALA A 194 16.54 -0.50 3.40
CA ALA A 194 16.24 0.83 2.89
C ALA A 194 15.99 1.84 4.01
N LEU A 195 15.49 1.39 5.17
CA LEU A 195 15.36 2.21 6.36
C LEU A 195 16.32 1.69 7.43
N ALA A 196 16.78 2.58 8.29
CA ALA A 196 17.52 2.14 9.47
C ALA A 196 16.61 1.32 10.38
N ALA A 197 17.21 0.49 11.24
CA ALA A 197 16.44 -0.52 11.95
C ALA A 197 15.31 0.06 12.81
N PRO A 198 15.50 1.12 13.59
CA PRO A 198 14.37 1.65 14.38
C PRO A 198 13.23 2.13 13.50
N GLN A 199 13.55 2.82 12.40
CA GLN A 199 12.53 3.32 11.47
C GLN A 199 11.82 2.16 10.76
N ARG A 200 12.57 1.12 10.40
N ARG A 200 12.57 1.11 10.40
CA ARG A 200 11.98 -0.06 9.80
CA ARG A 200 11.96 -0.07 9.78
C ARG A 200 10.90 -0.66 10.69
C ARG A 200 10.89 -0.66 10.70
N GLN A 201 11.21 -0.83 11.98
CA GLN A 201 10.22 -1.43 12.89
C GLN A 201 9.03 -0.50 13.10
N GLN A 202 9.24 0.82 13.12
CA GLN A 202 8.10 1.74 13.20
C GLN A 202 7.20 1.61 11.97
N PHE A 203 7.78 1.50 10.78
CA PHE A 203 6.96 1.30 9.58
C PHE A 203 6.14 0.03 9.67
N VAL A 204 6.80 -1.09 10.06
CA VAL A 204 6.09 -2.35 10.28
C VAL A 204 4.96 -2.18 11.29
N ASP A 205 5.24 -1.54 12.43
CA ASP A 205 4.21 -1.35 13.45
C ASP A 205 3.01 -0.55 12.95
N TRP A 206 3.24 0.51 12.18
CA TRP A 206 2.12 1.25 11.60
C TRP A 206 1.29 0.34 10.68
N LEU A 207 1.94 -0.43 9.80
CA LEU A 207 1.23 -1.36 8.92
C LEU A 207 0.45 -2.42 9.71
N LYS A 208 1.03 -2.93 10.82
CA LYS A 208 0.34 -3.93 11.63
C LYS A 208 -0.94 -3.38 12.24
N GLY A 209 -0.95 -2.09 12.59
CA GLY A 209 -2.10 -1.44 13.16
C GLY A 209 -3.13 -0.93 12.17
N ASN A 210 -3.01 -1.23 10.87
CA ASN A 210 -4.01 -0.78 9.93
C ASN A 210 -5.41 -1.27 10.31
N THR A 211 -6.43 -0.41 10.12
CA THR A 211 -7.81 -0.74 10.43
C THR A 211 -8.69 -0.98 9.21
N THR A 212 -8.20 -0.70 7.99
CA THR A 212 -9.05 -0.71 6.79
C THR A 212 -8.99 -2.00 5.98
N GLY A 213 -8.17 -2.98 6.38
CA GLY A 213 -7.90 -4.14 5.54
C GLY A 213 -8.48 -5.47 5.97
N ASN A 214 -9.46 -5.47 6.87
CA ASN A 214 -9.92 -6.74 7.45
C ASN A 214 -10.60 -7.65 6.44
N HIS A 215 -11.08 -7.13 5.32
CA HIS A 215 -11.79 -7.93 4.33
C HIS A 215 -10.94 -8.19 3.09
N ARG A 216 -9.65 -7.87 3.12
CA ARG A 216 -8.76 -7.99 1.95
C ARG A 216 -7.71 -9.07 2.23
N ILE A 217 -6.41 -8.77 2.12
CA ILE A 217 -5.40 -9.82 2.30
C ILE A 217 -5.56 -10.49 3.67
N ARG A 218 -5.84 -9.72 4.71
CA ARG A 218 -5.99 -10.28 6.06
C ARG A 218 -7.03 -11.38 6.13
N ALA A 219 -8.10 -11.30 5.31
CA ALA A 219 -9.13 -12.34 5.32
C ALA A 219 -8.61 -13.67 4.83
N ALA A 220 -7.47 -13.70 4.13
CA ALA A 220 -6.85 -14.93 3.66
C ALA A 220 -5.73 -15.42 4.57
N VAL A 221 -5.39 -14.68 5.63
CA VAL A 221 -4.24 -14.96 6.49
C VAL A 221 -4.74 -15.50 7.81
N PRO A 222 -4.30 -16.68 8.27
CA PRO A 222 -4.73 -17.19 9.57
C PRO A 222 -4.50 -16.19 10.70
N ALA A 223 -5.40 -16.22 11.67
CA ALA A 223 -5.37 -15.27 12.78
C ALA A 223 -4.13 -15.39 13.65
N ASP A 224 -3.47 -16.54 13.69
CA ASP A 224 -2.27 -16.71 14.52
C ASP A 224 -0.98 -16.30 13.80
N TRP A 225 -1.05 -15.67 12.62
CA TRP A 225 0.12 -15.11 11.96
C TRP A 225 0.09 -13.59 12.07
N ALA A 226 1.28 -12.98 12.17
CA ALA A 226 1.36 -11.52 12.16
C ALA A 226 1.28 -10.99 10.73
N VAL A 227 0.70 -9.80 10.58
CA VAL A 227 0.50 -9.20 9.27
C VAL A 227 0.41 -7.68 9.40
N GLY A 228 0.97 -6.97 8.43
CA GLY A 228 0.69 -5.56 8.25
C GLY A 228 0.36 -5.29 6.79
N ASP A 229 -0.50 -4.28 6.56
CA ASP A 229 -0.99 -4.02 5.20
C ASP A 229 -1.34 -2.55 5.00
N LYS A 230 -1.46 -2.16 3.72
CA LYS A 230 -2.03 -0.87 3.34
C LYS A 230 -2.95 -1.09 2.14
N THR A 231 -4.19 -0.57 2.24
CA THR A 231 -5.21 -0.67 1.22
C THR A 231 -5.30 0.59 0.32
N GLY A 232 -6.09 0.48 -0.74
CA GLY A 232 -6.50 1.63 -1.54
C GLY A 232 -7.85 1.39 -2.18
N THR A 233 -8.68 2.43 -2.28
CA THR A 233 -9.98 2.34 -2.96
C THR A 233 -10.20 3.65 -3.74
N CYS A 234 -10.18 3.60 -5.07
CA CYS A 234 -10.32 4.83 -5.85
C CYS A 234 -11.77 5.31 -5.94
N GLY A 235 -12.75 4.40 -5.88
CA GLY A 235 -14.16 4.75 -5.98
C GLY A 235 -14.77 4.72 -7.36
N VAL A 236 -13.97 4.41 -8.39
CA VAL A 236 -14.42 4.35 -9.78
C VAL A 236 -13.64 3.23 -10.48
N TYR A 237 -14.15 2.81 -11.65
CA TYR A 237 -13.44 1.88 -12.53
C TYR A 237 -13.02 0.59 -11.81
N GLY A 238 -13.88 0.10 -10.93
CA GLY A 238 -13.60 -1.10 -10.16
C GLY A 238 -12.19 -1.17 -9.58
N THR A 239 -11.63 -0.03 -9.16
CA THR A 239 -10.20 0.06 -8.87
C THR A 239 -9.97 0.11 -7.36
N ALA A 240 -9.30 -0.93 -6.83
CA ALA A 240 -8.99 -1.05 -5.41
C ALA A 240 -7.83 -2.03 -5.24
N ASN A 241 -7.19 -2.04 -4.07
CA ASN A 241 -5.94 -2.80 -3.93
C ASN A 241 -5.58 -2.99 -2.45
N ASP A 242 -4.54 -3.81 -2.24
CA ASP A 242 -3.95 -4.01 -0.92
C ASP A 242 -2.56 -4.59 -1.11
N TYR A 243 -1.62 -4.22 -0.25
CA TYR A 243 -0.32 -4.89 -0.18
C TYR A 243 0.02 -5.21 1.27
N ALA A 244 0.80 -6.28 1.49
CA ALA A 244 1.03 -6.76 2.83
C ALA A 244 2.37 -7.46 3.00
N VAL A 245 2.89 -7.41 4.23
N VAL A 245 2.84 -7.46 4.25
CA VAL A 245 3.91 -8.33 4.71
CA VAL A 245 3.93 -8.32 4.71
C VAL A 245 3.23 -9.27 5.69
C VAL A 245 3.37 -9.24 5.78
N VAL A 246 3.54 -10.56 5.57
CA VAL A 246 2.91 -11.61 6.36
C VAL A 246 4.00 -12.48 6.97
N TRP A 247 3.91 -12.74 8.29
CA TRP A 247 4.86 -13.61 8.98
C TRP A 247 4.17 -14.91 9.38
N PRO A 248 4.16 -15.94 8.53
CA PRO A 248 3.66 -17.25 8.96
C PRO A 248 4.59 -17.82 10.02
N THR A 249 4.04 -18.54 11.00
CA THR A 249 4.89 -19.07 12.06
C THR A 249 5.81 -20.15 11.49
N GLY A 250 7.05 -20.19 11.94
CA GLY A 250 7.95 -21.26 11.57
C GLY A 250 8.60 -21.18 10.19
N ARG A 251 8.38 -20.12 9.42
CA ARG A 251 9.03 -19.98 8.11
C ARG A 251 9.24 -18.49 7.83
N ALA A 252 9.92 -18.19 6.73
CA ALA A 252 10.28 -16.81 6.41
C ALA A 252 9.06 -16.00 5.98
N PRO A 253 9.13 -14.68 6.08
CA PRO A 253 7.96 -13.87 5.71
C PRO A 253 7.68 -13.88 4.20
N ILE A 254 6.44 -13.53 3.88
CA ILE A 254 5.92 -13.40 2.52
C ILE A 254 5.53 -11.94 2.32
N VAL A 255 5.87 -11.40 1.16
N VAL A 255 5.83 -11.41 1.13
CA VAL A 255 5.45 -10.05 0.76
CA VAL A 255 5.43 -10.05 0.76
C VAL A 255 4.56 -10.20 -0.48
C VAL A 255 4.58 -10.16 -0.50
N LEU A 256 3.43 -9.46 -0.53
CA LEU A 256 2.55 -9.58 -1.69
C LEU A 256 1.73 -8.32 -1.92
N ALA A 257 1.27 -8.19 -3.17
CA ALA A 257 0.44 -7.07 -3.64
C ALA A 257 -0.66 -7.59 -4.57
N VAL A 258 -1.87 -7.06 -4.40
CA VAL A 258 -3.04 -7.40 -5.20
C VAL A 258 -3.73 -6.09 -5.60
N TYR A 259 -3.81 -5.84 -6.91
CA TYR A 259 -4.40 -4.63 -7.49
C TYR A 259 -5.50 -5.02 -8.48
N THR A 260 -6.57 -4.23 -8.52
CA THR A 260 -7.67 -4.45 -9.46
C THR A 260 -8.05 -3.19 -10.22
N ARG A 261 -8.64 -3.39 -11.40
N ARG A 261 -8.62 -3.38 -11.41
CA ARG A 261 -9.32 -2.32 -12.14
CA ARG A 261 -9.29 -2.32 -12.17
C ARG A 261 -10.35 -2.97 -13.06
C ARG A 261 -10.31 -2.97 -13.11
N ALA A 262 -11.17 -2.16 -13.71
CA ALA A 262 -12.27 -2.64 -14.54
C ALA A 262 -12.57 -1.59 -15.61
N PRO A 263 -13.24 -1.97 -16.72
CA PRO A 263 -13.31 -1.04 -17.86
C PRO A 263 -14.27 0.13 -17.74
N ASN A 264 -15.36 0.02 -16.97
CA ASN A 264 -16.41 1.03 -16.94
C ASN A 264 -16.32 1.87 -15.67
N LYS A 265 -16.63 3.16 -15.80
CA LYS A 265 -16.48 4.07 -14.68
C LYS A 265 -17.30 3.62 -13.47
N ASP A 266 -18.53 3.13 -13.70
CA ASP A 266 -19.38 2.75 -12.58
C ASP A 266 -19.26 1.26 -12.20
N ASP A 267 -18.28 0.53 -12.72
CA ASP A 267 -18.00 -0.82 -12.20
C ASP A 267 -17.54 -0.73 -10.74
N LYS A 268 -18.05 -1.62 -9.90
CA LYS A 268 -17.73 -1.59 -8.48
C LYS A 268 -16.50 -2.45 -8.18
N HIS A 269 -15.70 -2.00 -7.22
CA HIS A 269 -14.63 -2.85 -6.71
C HIS A 269 -15.20 -3.97 -5.85
N SER A 270 -14.36 -4.95 -5.52
CA SER A 270 -14.75 -6.09 -4.70
C SER A 270 -13.65 -6.42 -3.71
N GLU A 271 -13.98 -6.36 -2.41
CA GLU A 271 -13.04 -6.82 -1.40
C GLU A 271 -12.86 -8.33 -1.47
N ALA A 272 -13.95 -9.07 -1.69
CA ALA A 272 -13.87 -10.52 -1.75
C ALA A 272 -12.91 -10.99 -2.84
N VAL A 273 -12.86 -10.28 -3.96
N VAL A 273 -12.87 -10.29 -3.99
CA VAL A 273 -11.97 -10.68 -5.06
CA VAL A 273 -11.94 -10.71 -5.06
C VAL A 273 -10.51 -10.49 -4.66
C VAL A 273 -10.50 -10.54 -4.59
N ILE A 274 -10.21 -9.45 -3.88
CA ILE A 274 -8.85 -9.24 -3.38
C ILE A 274 -8.45 -10.35 -2.40
N ALA A 275 -9.35 -10.68 -1.46
CA ALA A 275 -9.07 -11.78 -0.53
C ALA A 275 -8.87 -13.10 -1.28
N ALA A 276 -9.70 -13.36 -2.30
CA ALA A 276 -9.59 -14.59 -3.06
C ALA A 276 -8.28 -14.68 -3.82
N ALA A 277 -7.82 -13.54 -4.41
CA ALA A 277 -6.54 -13.53 -5.11
C ALA A 277 -5.38 -13.75 -4.15
N ALA A 278 -5.45 -13.19 -2.94
CA ALA A 278 -4.43 -13.45 -1.94
C ALA A 278 -4.38 -14.92 -1.54
N ARG A 279 -5.55 -15.56 -1.42
N ARG A 279 -5.55 -15.56 -1.39
CA ARG A 279 -5.59 -16.98 -1.09
CA ARG A 279 -5.57 -16.99 -1.09
C ARG A 279 -4.92 -17.81 -2.18
C ARG A 279 -4.86 -17.78 -2.18
N LEU A 280 -5.16 -17.47 -3.45
CA LEU A 280 -4.51 -18.17 -4.55
C LEU A 280 -3.01 -17.94 -4.54
N ALA A 281 -2.56 -16.73 -4.21
CA ALA A 281 -1.12 -16.47 -4.15
C ALA A 281 -0.44 -17.32 -3.09
N LEU A 282 -1.02 -17.37 -1.89
CA LEU A 282 -0.44 -18.20 -0.83
C LEU A 282 -0.44 -19.67 -1.21
N GLU A 283 -1.53 -20.15 -1.82
CA GLU A 283 -1.55 -21.53 -2.31
C GLU A 283 -0.45 -21.78 -3.34
N GLY A 284 -0.25 -20.83 -4.26
CA GLY A 284 0.78 -21.00 -5.29
C GLY A 284 2.18 -21.06 -4.72
N LEU A 285 2.41 -20.42 -3.56
CA LEU A 285 3.69 -20.49 -2.86
C LEU A 285 3.83 -21.72 -1.97
N GLY A 286 2.78 -22.54 -1.84
CA GLY A 286 2.86 -23.71 -0.98
C GLY A 286 2.83 -23.39 0.49
N VAL A 287 2.32 -22.23 0.87
CA VAL A 287 2.19 -21.84 2.26
C VAL A 287 0.84 -22.36 2.75
N ASN A 288 0.87 -23.30 3.70
CA ASN A 288 -0.38 -23.84 4.26
C ASN A 288 -1.03 -22.79 5.14
N GLY A 289 -2.28 -22.44 4.84
CA GLY A 289 -3.01 -21.46 5.62
C GLY A 289 -4.29 -21.97 6.24
#